data_3T57
#
_entry.id   3T57
#
_cell.length_a   86.195
_cell.length_b   86.195
_cell.length_c   200.250
_cell.angle_alpha   90.00
_cell.angle_beta   90.00
_cell.angle_gamma   120.00
#
_symmetry.space_group_name_H-M   'P 63 2 2'
#
loop_
_entity.id
_entity.type
_entity.pdbx_description
1 polymer 'UDP-N-acetylglucosamine O-acyltransferase domain-containing protein'
2 water water
#
_entity_poly.entity_id   1
_entity_poly.type   'polypeptide(L)'
_entity_poly.pdbx_seq_one_letter_code
;MDSRDSEVLIHPSAVVHPNAVIGKGVSVGPYCTIGSSVKLGNGCKLYPSSHVFGNTELGESCVLMTGAVVGDELPGYTFI
GCNNIIGHHAVVGVKCQDLKYKHGDECFLCIGNNNEIREFCSIHRSSKPSDKTVIGDNNLIMGSCHIAHDCKIGDRNIFA
NNTLLAGHVVVEDNTHTAGASVVHQFCHIGSFAFIGGGSVVSQDVPKYMMVAGERAELRGLNLEGLRRNGFTMSEMKSLR
AAYRKIFMSTETVSLSFEERLTELEQDQELYSVPAVSAMLQSIRDSFTESRRGICKFRQWLDSTT
;
_entity_poly.pdbx_strand_id   A
#
# COMPACT_ATOMS: atom_id res chain seq x y z
N LEU A 9 9.36 31.24 -5.42
CA LEU A 9 10.74 31.20 -6.00
C LEU A 9 10.73 30.27 -7.20
N ILE A 10 10.20 30.80 -8.28
CA ILE A 10 9.96 30.07 -9.51
C ILE A 10 11.03 30.47 -10.51
N HIS A 11 11.85 29.50 -10.93
CA HIS A 11 12.87 29.76 -11.93
C HIS A 11 12.23 30.31 -13.23
N PRO A 12 12.86 31.33 -13.85
CA PRO A 12 12.30 31.91 -15.08
C PRO A 12 12.08 30.92 -16.24
N SER A 13 12.89 29.85 -16.30
CA SER A 13 12.72 28.84 -17.36
C SER A 13 11.51 27.90 -17.18
N ALA A 14 10.99 27.79 -15.96
CA ALA A 14 9.87 26.88 -15.70
C ALA A 14 8.58 27.30 -16.43
N VAL A 15 7.77 26.34 -16.83
CA VAL A 15 6.49 26.62 -17.45
C VAL A 15 5.39 26.37 -16.40
N VAL A 16 4.93 27.46 -15.80
CA VAL A 16 3.90 27.40 -14.78
C VAL A 16 2.64 28.08 -15.34
N HIS A 17 1.61 27.29 -15.58
CA HIS A 17 0.39 27.82 -16.16
C HIS A 17 -0.17 28.91 -15.24
N PRO A 18 -0.67 30.02 -15.83
CA PRO A 18 -1.21 31.12 -15.00
C PRO A 18 -2.35 30.72 -14.07
N ASN A 19 -3.05 29.63 -14.36
CA ASN A 19 -4.15 29.21 -13.49
C ASN A 19 -3.80 28.14 -12.44
N ALA A 20 -2.56 27.64 -12.46
CA ALA A 20 -2.08 26.80 -11.35
C ALA A 20 -2.23 27.57 -10.03
N VAL A 21 -2.63 26.87 -8.97
CA VAL A 21 -2.79 27.50 -7.65
C VAL A 21 -1.53 27.19 -6.83
N ILE A 22 -0.69 28.20 -6.64
CA ILE A 22 0.61 28.03 -6.02
C ILE A 22 0.63 28.68 -4.64
N GLY A 23 0.83 27.87 -3.60
CA GLY A 23 0.83 28.36 -2.22
C GLY A 23 2.03 29.24 -1.91
N LYS A 24 2.10 29.73 -0.68
CA LYS A 24 3.19 30.57 -0.21
C LYS A 24 4.48 29.77 -0.06
N GLY A 25 5.60 30.37 -0.41
CA GLY A 25 6.92 29.77 -0.19
C GLY A 25 7.20 28.53 -1.04
N VAL A 26 6.44 28.36 -2.12
CA VAL A 26 6.66 27.27 -3.05
C VAL A 26 7.88 27.58 -3.93
N SER A 27 8.76 26.59 -4.07
CA SER A 27 9.97 26.71 -4.87
C SER A 27 9.88 25.81 -6.10
N VAL A 28 10.11 26.39 -7.27
CA VAL A 28 10.03 25.65 -8.54
C VAL A 28 11.32 25.81 -9.33
N GLY A 29 12.01 24.70 -9.56
CA GLY A 29 13.31 24.73 -10.23
C GLY A 29 13.22 24.87 -11.74
N PRO A 30 14.38 24.99 -12.40
CA PRO A 30 14.39 25.12 -13.86
C PRO A 30 13.78 23.93 -14.59
N TYR A 31 13.10 24.22 -15.71
CA TYR A 31 12.53 23.20 -16.62
C TYR A 31 11.44 22.34 -16.02
N CYS A 32 10.81 22.82 -14.96
CA CYS A 32 9.59 22.18 -14.45
C CYS A 32 8.40 22.62 -15.28
N THR A 33 7.35 21.79 -15.29
CA THR A 33 6.08 22.20 -15.84
C THR A 33 5.00 21.95 -14.80
N ILE A 34 4.09 22.90 -14.68
CA ILE A 34 2.96 22.82 -13.77
C ILE A 34 1.72 23.23 -14.56
N GLY A 35 0.75 22.32 -14.60
CA GLY A 35 -0.45 22.50 -15.42
C GLY A 35 -1.45 23.46 -14.81
N SER A 36 -2.48 23.75 -15.59
CA SER A 36 -3.49 24.76 -15.26
C SER A 36 -4.34 24.43 -14.04
N SER A 37 -4.53 23.14 -13.77
CA SER A 37 -5.47 22.72 -12.73
C SER A 37 -4.77 22.08 -11.55
N VAL A 38 -3.51 22.45 -11.34
CA VAL A 38 -2.72 21.95 -10.23
C VAL A 38 -2.83 22.94 -9.05
N LYS A 39 -2.95 22.39 -7.85
CA LYS A 39 -2.83 23.17 -6.62
C LYS A 39 -1.69 22.64 -5.77
N LEU A 40 -0.74 23.51 -5.43
CA LEU A 40 0.37 23.15 -4.57
C LEU A 40 0.23 23.89 -3.25
N GLY A 41 0.27 23.15 -2.16
CA GLY A 41 0.19 23.75 -0.81
C GLY A 41 1.45 24.53 -0.51
N ASN A 42 1.37 25.34 0.54
CA ASN A 42 2.50 26.11 1.04
C ASN A 42 3.74 25.24 1.25
N GLY A 43 4.91 25.78 0.87
CA GLY A 43 6.18 25.11 1.17
C GLY A 43 6.53 23.94 0.25
N CYS A 44 5.72 23.67 -0.76
CA CYS A 44 6.09 22.63 -1.74
C CYS A 44 7.39 22.98 -2.46
N LYS A 45 8.14 21.97 -2.85
CA LYS A 45 9.37 22.21 -3.58
C LYS A 45 9.49 21.26 -4.75
N LEU A 46 9.63 21.84 -5.93
CA LEU A 46 9.86 21.07 -7.13
C LEU A 46 11.31 21.24 -7.58
N TYR A 47 12.06 20.14 -7.56
CA TYR A 47 13.45 20.14 -8.06
C TYR A 47 13.45 20.28 -9.59
N PRO A 48 14.63 20.52 -10.21
CA PRO A 48 14.65 20.75 -11.66
C PRO A 48 13.99 19.64 -12.45
N SER A 49 13.27 20.01 -13.52
CA SER A 49 12.66 19.04 -14.43
C SER A 49 11.71 18.06 -13.74
N SER A 50 10.89 18.58 -12.84
CA SER A 50 9.81 17.78 -12.28
C SER A 50 8.49 18.36 -12.83
N HIS A 51 7.42 17.59 -12.74
CA HIS A 51 6.20 17.89 -13.51
C HIS A 51 4.93 17.54 -12.74
N VAL A 52 3.95 18.45 -12.80
CA VAL A 52 2.63 18.14 -12.26
C VAL A 52 1.59 18.42 -13.34
N PHE A 53 0.77 17.41 -13.64
CA PHE A 53 -0.25 17.47 -14.71
C PHE A 53 -1.65 17.26 -14.15
N GLY A 54 -2.65 17.63 -14.93
CA GLY A 54 -4.03 17.21 -14.69
C GLY A 54 -4.68 17.88 -13.48
N ASN A 55 -5.78 17.31 -13.00
CA ASN A 55 -6.50 17.85 -11.85
C ASN A 55 -5.84 17.25 -10.62
N THR A 56 -4.90 17.99 -10.04
CA THR A 56 -3.96 17.44 -9.09
C THR A 56 -3.71 18.40 -7.93
N GLU A 57 -3.77 17.87 -6.71
CA GLU A 57 -3.48 18.67 -5.53
C GLU A 57 -2.43 18.00 -4.65
N LEU A 58 -1.42 18.77 -4.25
CA LEU A 58 -0.42 18.35 -3.26
C LEU A 58 -0.62 19.18 -2.00
N GLY A 59 -0.50 18.54 -0.85
CA GLY A 59 -0.59 19.24 0.43
C GLY A 59 0.67 20.05 0.70
N GLU A 60 0.74 20.61 1.90
CA GLU A 60 1.86 21.47 2.26
C GLU A 60 3.13 20.68 2.32
N SER A 61 4.23 21.32 1.93
CA SER A 61 5.60 20.79 2.11
C SER A 61 5.87 19.45 1.43
N CYS A 62 5.19 19.16 0.32
CA CYS A 62 5.59 18.03 -0.51
C CYS A 62 6.84 18.38 -1.31
N VAL A 63 7.62 17.35 -1.66
CA VAL A 63 8.86 17.52 -2.44
C VAL A 63 8.83 16.60 -3.68
N LEU A 64 9.04 17.19 -4.86
CA LEU A 64 9.26 16.42 -6.07
C LEU A 64 10.72 16.50 -6.48
N MET A 65 11.38 15.34 -6.52
CA MET A 65 12.74 15.24 -7.00
C MET A 65 12.78 15.33 -8.53
N THR A 66 13.97 15.51 -9.09
CA THR A 66 14.14 15.62 -10.54
C THR A 66 13.52 14.45 -11.28
N GLY A 67 12.76 14.78 -12.31
CA GLY A 67 12.15 13.79 -13.19
C GLY A 67 10.80 13.31 -12.70
N ALA A 68 10.44 13.64 -11.46
CA ALA A 68 9.16 13.17 -10.89
C ALA A 68 8.01 13.71 -11.71
N VAL A 69 7.02 12.85 -11.96
CA VAL A 69 5.81 13.20 -12.69
C VAL A 69 4.62 12.84 -11.80
N VAL A 70 3.80 13.83 -11.49
CA VAL A 70 2.62 13.62 -10.68
C VAL A 70 1.40 14.06 -11.47
N GLY A 71 0.42 13.18 -11.57
CA GLY A 71 -0.83 13.47 -12.26
C GLY A 71 -0.71 13.17 -13.73
N ASP A 72 -1.87 13.09 -14.38
CA ASP A 72 -1.97 13.11 -15.84
C ASP A 72 -3.31 13.71 -16.26
N GLU A 73 -3.44 14.00 -17.54
CA GLU A 73 -4.58 14.76 -18.05
C GLU A 73 -5.90 13.97 -18.13
N LEU A 74 -5.86 12.68 -17.81
CA LEU A 74 -7.09 11.88 -17.74
C LEU A 74 -8.07 12.44 -16.70
N PRO A 75 -9.39 12.35 -17.00
CA PRO A 75 -10.43 12.88 -16.11
C PRO A 75 -10.34 12.21 -14.73
N GLY A 76 -10.88 12.88 -13.71
CA GLY A 76 -10.73 12.45 -12.33
C GLY A 76 -9.62 13.27 -11.69
N TYR A 77 -9.05 12.77 -10.60
CA TYR A 77 -8.05 13.52 -9.87
C TYR A 77 -6.93 12.65 -9.28
N THR A 78 -5.83 13.32 -8.98
CA THR A 78 -4.75 12.82 -8.13
C THR A 78 -4.72 13.77 -6.90
N PHE A 79 -4.97 13.23 -5.72
CA PHE A 79 -5.08 14.03 -4.49
C PHE A 79 -4.04 13.50 -3.50
N ILE A 80 -3.12 14.36 -3.11
CA ILE A 80 -2.00 13.95 -2.26
C ILE A 80 -1.93 14.86 -1.03
N GLY A 81 -1.69 14.27 0.13
CA GLY A 81 -1.67 15.01 1.38
C GLY A 81 -0.38 15.79 1.60
N CYS A 82 -0.06 16.07 2.85
CA CYS A 82 1.07 16.92 3.18
C CYS A 82 2.34 16.13 3.47
N ASN A 83 3.47 16.80 3.26
CA ASN A 83 4.79 16.27 3.61
C ASN A 83 5.14 14.96 2.91
N ASN A 84 4.70 14.79 1.67
CA ASN A 84 5.11 13.65 0.87
C ASN A 84 6.35 13.95 0.04
N ILE A 85 7.24 12.98 -0.05
CA ILE A 85 8.43 13.09 -0.90
C ILE A 85 8.27 12.12 -2.07
N ILE A 86 8.35 12.66 -3.28
CA ILE A 86 8.23 11.89 -4.51
C ILE A 86 9.62 11.84 -5.16
N GLY A 87 10.20 10.63 -5.21
CA GLY A 87 11.56 10.41 -5.67
C GLY A 87 11.82 10.66 -7.15
N HIS A 88 13.10 10.59 -7.51
CA HIS A 88 13.57 10.86 -8.86
C HIS A 88 12.87 9.96 -9.88
N HIS A 89 12.29 10.58 -10.91
CA HIS A 89 11.61 9.86 -11.99
C HIS A 89 10.41 9.02 -11.57
N ALA A 90 9.92 9.17 -10.34
CA ALA A 90 8.71 8.48 -9.91
C ALA A 90 7.52 8.99 -10.72
N VAL A 91 6.57 8.10 -11.00
CA VAL A 91 5.42 8.44 -11.83
C VAL A 91 4.16 8.09 -11.01
N VAL A 92 3.44 9.13 -10.59
CA VAL A 92 2.44 8.98 -9.55
C VAL A 92 1.13 9.59 -10.02
N GLY A 93 0.10 8.77 -10.17
CA GLY A 93 -1.23 9.22 -10.59
C GLY A 93 -1.45 9.19 -12.09
N VAL A 94 -0.92 8.16 -12.74
CA VAL A 94 -1.10 7.98 -14.19
C VAL A 94 -2.09 6.85 -14.52
N LYS A 95 -2.52 6.80 -15.78
CA LYS A 95 -3.46 5.81 -16.29
C LYS A 95 -3.08 4.38 -15.88
N CYS A 96 -4.07 3.59 -15.46
CA CYS A 96 -3.84 2.20 -15.08
C CYS A 96 -3.52 1.32 -16.30
N GLN A 97 -3.12 0.08 -16.04
CA GLN A 97 -2.76 -0.85 -17.13
C GLN A 97 -3.87 -1.88 -17.42
N ASP A 98 -4.97 -1.77 -16.67
CA ASP A 98 -6.13 -2.65 -16.82
C ASP A 98 -6.76 -2.48 -18.20
N LEU A 99 -6.85 -3.56 -18.96
CA LEU A 99 -7.43 -3.54 -20.30
C LEU A 99 -8.93 -3.25 -20.29
N LYS A 100 -9.57 -3.48 -19.15
CA LYS A 100 -11.00 -3.19 -19.00
C LYS A 100 -11.28 -1.70 -18.76
N TYR A 101 -10.23 -0.92 -18.47
CA TYR A 101 -10.36 0.54 -18.35
C TYR A 101 -10.96 1.14 -19.64
N LYS A 102 -12.02 1.92 -19.50
CA LYS A 102 -12.74 2.49 -20.65
C LYS A 102 -12.26 3.91 -20.95
N HIS A 103 -11.86 4.14 -22.20
CA HIS A 103 -11.38 5.45 -22.64
C HIS A 103 -12.34 6.56 -22.20
N GLY A 104 -11.82 7.61 -21.59
CA GLY A 104 -12.63 8.76 -21.18
C GLY A 104 -13.27 8.64 -19.80
N ASP A 105 -13.10 7.50 -19.15
CA ASP A 105 -13.59 7.31 -17.78
C ASP A 105 -12.76 8.11 -16.78
N GLU A 106 -13.43 8.68 -15.79
CA GLU A 106 -12.74 9.31 -14.67
C GLU A 106 -12.01 8.24 -13.86
N CYS A 107 -10.82 8.58 -13.36
CA CYS A 107 -10.04 7.66 -12.53
C CYS A 107 -9.35 8.43 -11.41
N PHE A 108 -9.07 7.74 -10.31
CA PHE A 108 -8.77 8.42 -9.05
C PHE A 108 -7.59 7.82 -8.26
N LEU A 109 -6.81 8.70 -7.65
CA LEU A 109 -5.74 8.31 -6.75
C LEU A 109 -5.74 9.24 -5.54
N CYS A 110 -5.69 8.65 -4.36
CA CYS A 110 -5.62 9.39 -3.10
CA CYS A 110 -5.64 9.40 -3.10
C CYS A 110 -4.46 8.92 -2.25
N ILE A 111 -3.60 9.86 -1.85
CA ILE A 111 -2.43 9.55 -1.01
C ILE A 111 -2.49 10.44 0.21
N GLY A 112 -2.22 9.86 1.38
CA GLY A 112 -2.27 10.61 2.63
C GLY A 112 -1.01 11.42 2.91
N ASN A 113 -0.59 11.41 4.17
CA ASN A 113 0.46 12.29 4.65
C ASN A 113 1.75 11.56 5.01
N ASN A 114 2.88 12.26 4.87
CA ASN A 114 4.17 11.78 5.38
C ASN A 114 4.65 10.48 4.76
N ASN A 115 4.37 10.30 3.47
CA ASN A 115 4.85 9.11 2.75
C ASN A 115 6.15 9.44 2.04
N GLU A 116 6.95 8.40 1.81
CA GLU A 116 8.14 8.54 1.01
C GLU A 116 8.04 7.53 -0.11
N ILE A 117 7.95 8.05 -1.33
CA ILE A 117 7.83 7.26 -2.54
C ILE A 117 9.14 7.43 -3.32
N ARG A 118 9.92 6.36 -3.43
CA ARG A 118 11.30 6.51 -3.90
C ARG A 118 11.39 6.46 -5.43
N GLU A 119 12.61 6.50 -5.96
CA GLU A 119 12.85 6.63 -7.40
C GLU A 119 12.18 5.52 -8.21
N PHE A 120 11.68 5.89 -9.39
CA PHE A 120 11.14 4.92 -10.36
C PHE A 120 9.88 4.16 -9.90
N CYS A 121 9.22 4.62 -8.83
CA CYS A 121 7.94 4.02 -8.48
C CYS A 121 6.87 4.40 -9.49
N SER A 122 5.88 3.53 -9.64
CA SER A 122 4.74 3.85 -10.47
C SER A 122 3.47 3.52 -9.69
N ILE A 123 2.65 4.54 -9.52
CA ILE A 123 1.43 4.44 -8.76
C ILE A 123 0.32 4.84 -9.70
N HIS A 124 -0.61 3.92 -9.92
CA HIS A 124 -1.63 4.10 -10.96
C HIS A 124 -2.97 4.51 -10.40
N ARG A 125 -3.71 5.28 -11.18
CA ARG A 125 -5.08 5.65 -10.88
C ARG A 125 -6.00 4.46 -11.01
N SER A 126 -7.23 4.61 -10.52
CA SER A 126 -8.22 3.55 -10.50
C SER A 126 -8.64 3.11 -11.89
N SER A 127 -9.25 1.93 -11.96
CA SER A 127 -9.65 1.35 -13.24
C SER A 127 -11.08 1.75 -13.62
N LYS A 128 -11.82 2.25 -12.64
CA LYS A 128 -13.19 2.73 -12.89
C LYS A 128 -13.55 3.94 -12.01
N PRO A 129 -14.53 4.76 -12.46
CA PRO A 129 -14.89 5.99 -11.75
C PRO A 129 -15.44 5.78 -10.34
N SER A 130 -16.05 4.63 -10.07
CA SER A 130 -16.57 4.32 -8.75
C SER A 130 -15.50 3.91 -7.73
N ASP A 131 -14.28 3.66 -8.22
CA ASP A 131 -13.22 3.12 -7.36
C ASP A 131 -12.05 4.11 -7.27
N LYS A 132 -11.03 3.72 -6.51
CA LYS A 132 -9.93 4.60 -6.22
C LYS A 132 -8.72 3.79 -5.76
N THR A 133 -7.54 4.23 -6.18
CA THR A 133 -6.28 3.77 -5.60
C THR A 133 -6.02 4.63 -4.39
N VAL A 134 -5.76 3.99 -3.26
CA VAL A 134 -5.62 4.66 -1.97
C VAL A 134 -4.34 4.24 -1.25
N ILE A 135 -3.62 5.25 -0.77
CA ILE A 135 -2.45 5.05 0.08
C ILE A 135 -2.64 5.92 1.30
N GLY A 136 -2.37 5.35 2.48
CA GLY A 136 -2.56 6.07 3.74
C GLY A 136 -1.39 6.97 4.09
N ASP A 137 -0.97 6.90 5.35
CA ASP A 137 0.02 7.81 5.95
C ASP A 137 1.28 7.08 6.36
N ASN A 138 2.40 7.79 6.34
CA ASN A 138 3.69 7.29 6.88
C ASN A 138 4.20 6.00 6.26
N ASN A 139 3.94 5.81 4.97
CA ASN A 139 4.45 4.65 4.25
C ASN A 139 5.80 4.96 3.65
N LEU A 140 6.68 3.96 3.68
CA LEU A 140 7.92 3.99 2.92
C LEU A 140 7.82 3.02 1.74
N ILE A 141 7.84 3.59 0.54
CA ILE A 141 7.74 2.83 -0.69
C ILE A 141 9.06 3.02 -1.43
N MET A 142 9.88 1.98 -1.41
CA MET A 142 11.24 2.03 -1.93
C MET A 142 11.30 2.00 -3.46
N GLY A 143 12.51 2.08 -4.01
CA GLY A 143 12.67 2.24 -5.46
C GLY A 143 11.98 1.17 -6.30
N SER A 144 11.41 1.60 -7.41
CA SER A 144 10.88 0.71 -8.46
C SER A 144 9.72 -0.17 -8.00
N CYS A 145 8.93 0.32 -7.06
CA CYS A 145 7.71 -0.39 -6.66
C CYS A 145 6.60 -0.04 -7.61
N HIS A 146 5.69 -0.99 -7.80
CA HIS A 146 4.53 -0.78 -8.66
C HIS A 146 3.27 -0.97 -7.84
N ILE A 147 2.41 0.05 -7.85
CA ILE A 147 1.12 -0.03 -7.16
C ILE A 147 0.03 0.13 -8.19
N ALA A 148 -0.63 -0.98 -8.50
CA ALA A 148 -1.60 -1.03 -9.61
C ALA A 148 -2.93 -0.35 -9.26
N HIS A 149 -3.75 -0.14 -10.28
CA HIS A 149 -5.11 0.37 -10.11
C HIS A 149 -5.86 -0.28 -8.96
N ASP A 150 -6.50 0.56 -8.15
CA ASP A 150 -7.49 0.13 -7.16
C ASP A 150 -6.94 -0.48 -5.87
N CYS A 151 -5.61 -0.52 -5.72
CA CYS A 151 -5.00 -0.93 -4.45
C CYS A 151 -5.47 -0.05 -3.31
N LYS A 152 -5.57 -0.66 -2.12
CA LYS A 152 -5.94 0.07 -0.90
C LYS A 152 -4.85 -0.23 0.10
N ILE A 153 -4.02 0.78 0.37
CA ILE A 153 -2.87 0.64 1.25
C ILE A 153 -3.09 1.52 2.48
N GLY A 154 -2.87 0.93 3.66
CA GLY A 154 -3.03 1.62 4.94
C GLY A 154 -1.84 2.48 5.32
N ASP A 155 -1.42 2.35 6.57
CA ASP A 155 -0.45 3.26 7.18
C ASP A 155 0.77 2.50 7.65
N ARG A 156 1.91 3.19 7.63
CA ARG A 156 3.15 2.75 8.29
C ARG A 156 3.74 1.48 7.69
N ASN A 157 3.44 1.23 6.41
CA ASN A 157 3.99 0.09 5.71
C ASN A 157 5.35 0.38 5.13
N ILE A 158 6.12 -0.69 4.92
CA ILE A 158 7.43 -0.58 4.26
C ILE A 158 7.48 -1.60 3.11
N PHE A 159 7.58 -1.09 1.89
CA PHE A 159 7.69 -1.92 0.69
C PHE A 159 9.10 -1.78 0.13
N ALA A 160 9.90 -2.84 0.21
CA ALA A 160 11.26 -2.80 -0.32
C ALA A 160 11.28 -2.72 -1.86
N ASN A 161 12.46 -2.42 -2.41
CA ASN A 161 12.63 -2.29 -3.85
C ASN A 161 11.95 -3.37 -4.70
N ASN A 162 11.29 -2.93 -5.76
CA ASN A 162 10.67 -3.84 -6.73
C ASN A 162 9.51 -4.66 -6.23
N THR A 163 8.85 -4.17 -5.19
CA THR A 163 7.60 -4.77 -4.75
C THR A 163 6.52 -4.45 -5.79
N LEU A 164 5.86 -5.49 -6.28
CA LEU A 164 4.77 -5.31 -7.25
C LEU A 164 3.45 -5.68 -6.60
N LEU A 165 2.58 -4.69 -6.46
CA LEU A 165 1.22 -4.92 -5.98
C LEU A 165 0.27 -4.82 -7.18
N ALA A 166 -0.29 -5.96 -7.57
CA ALA A 166 -1.21 -6.02 -8.69
C ALA A 166 -2.59 -5.41 -8.35
N GLY A 167 -3.51 -5.42 -9.31
CA GLY A 167 -4.76 -4.70 -9.17
C GLY A 167 -5.56 -5.13 -7.93
N HIS A 168 -6.16 -4.16 -7.25
CA HIS A 168 -7.11 -4.43 -6.15
C HIS A 168 -6.45 -5.08 -4.93
N VAL A 169 -5.12 -5.03 -4.83
CA VAL A 169 -4.45 -5.55 -3.65
C VAL A 169 -4.75 -4.63 -2.48
N VAL A 170 -4.98 -5.24 -1.32
CA VAL A 170 -5.30 -4.51 -0.11
C VAL A 170 -4.21 -4.78 0.90
N VAL A 171 -3.61 -3.72 1.42
CA VAL A 171 -2.58 -3.86 2.44
C VAL A 171 -3.06 -3.04 3.63
N GLU A 172 -3.00 -3.61 4.84
CA GLU A 172 -3.41 -2.90 6.04
C GLU A 172 -2.28 -2.04 6.61
N ASP A 173 -1.95 -2.19 7.90
CA ASP A 173 -0.99 -1.31 8.57
C ASP A 173 0.28 -2.04 9.01
N ASN A 174 1.40 -1.32 9.00
CA ASN A 174 2.65 -1.80 9.59
C ASN A 174 3.18 -3.10 8.99
N THR A 175 2.93 -3.32 7.70
CA THR A 175 3.45 -4.49 7.00
C THR A 175 4.83 -4.19 6.43
N HIS A 176 5.59 -5.24 6.16
CA HIS A 176 6.90 -5.15 5.49
C HIS A 176 6.90 -6.12 4.32
N THR A 177 7.30 -5.65 3.14
CA THR A 177 7.57 -6.58 2.05
C THR A 177 9.05 -6.47 1.71
N ALA A 178 9.73 -7.60 1.61
CA ALA A 178 11.13 -7.59 1.22
C ALA A 178 11.25 -7.49 -0.30
N GLY A 179 12.48 -7.27 -0.77
CA GLY A 179 12.75 -6.97 -2.18
C GLY A 179 12.15 -7.96 -3.18
N ALA A 180 11.58 -7.40 -4.25
CA ALA A 180 11.06 -8.17 -5.38
C ALA A 180 9.88 -9.08 -5.00
N SER A 181 9.10 -8.68 -4.00
CA SER A 181 7.86 -9.38 -3.70
C SER A 181 6.86 -9.13 -4.83
N VAL A 182 6.07 -10.15 -5.16
CA VAL A 182 5.02 -10.02 -6.16
C VAL A 182 3.70 -10.46 -5.54
N VAL A 183 2.73 -9.54 -5.48
CA VAL A 183 1.44 -9.83 -4.88
C VAL A 183 0.34 -9.84 -5.96
N HIS A 184 -0.34 -10.99 -6.04
CA HIS A 184 -1.32 -11.27 -7.08
C HIS A 184 -2.57 -10.39 -6.87
N GLN A 185 -3.27 -10.07 -7.96
CA GLN A 185 -4.47 -9.24 -7.87
C GLN A 185 -5.46 -9.77 -6.83
N PHE A 186 -6.12 -8.84 -6.14
CA PHE A 186 -7.17 -9.15 -5.14
C PHE A 186 -6.69 -9.77 -3.84
N CYS A 187 -5.39 -9.99 -3.69
CA CYS A 187 -4.85 -10.53 -2.43
C CYS A 187 -4.84 -9.47 -1.33
N HIS A 188 -5.04 -9.93 -0.10
CA HIS A 188 -4.99 -9.06 1.08
C HIS A 188 -3.79 -9.37 1.96
N ILE A 189 -3.19 -8.30 2.50
CA ILE A 189 -2.07 -8.43 3.42
C ILE A 189 -2.42 -7.76 4.74
N GLY A 190 -2.62 -8.57 5.76
CA GLY A 190 -3.04 -8.10 7.09
C GLY A 190 -1.96 -7.32 7.82
N SER A 191 -2.37 -6.58 8.85
CA SER A 191 -1.44 -5.77 9.64
C SER A 191 -0.29 -6.57 10.25
N PHE A 192 0.89 -5.95 10.30
CA PHE A 192 2.10 -6.52 10.92
C PHE A 192 2.65 -7.76 10.19
N ALA A 193 2.21 -7.97 8.96
CA ALA A 193 2.68 -9.11 8.17
C ALA A 193 4.07 -8.88 7.58
N PHE A 194 4.74 -9.98 7.26
CA PHE A 194 6.04 -9.92 6.61
C PHE A 194 6.06 -10.84 5.40
N ILE A 195 6.46 -10.29 4.26
CA ILE A 195 6.61 -11.06 3.03
C ILE A 195 8.09 -11.15 2.68
N GLY A 196 8.63 -12.37 2.70
CA GLY A 196 10.05 -12.59 2.42
C GLY A 196 10.47 -12.25 1.00
N GLY A 197 11.78 -12.11 0.77
CA GLY A 197 12.33 -11.74 -0.53
C GLY A 197 11.90 -12.63 -1.68
N GLY A 198 11.56 -11.99 -2.81
CA GLY A 198 11.17 -12.69 -4.03
C GLY A 198 9.93 -13.58 -3.92
N SER A 199 9.11 -13.35 -2.89
CA SER A 199 7.90 -14.15 -2.69
C SER A 199 6.87 -13.82 -3.77
N VAL A 200 6.25 -14.85 -4.31
CA VAL A 200 5.13 -14.70 -5.21
C VAL A 200 3.90 -15.07 -4.41
N VAL A 201 3.18 -14.03 -3.98
CA VAL A 201 2.06 -14.20 -3.07
C VAL A 201 0.76 -14.26 -3.87
N SER A 202 0.13 -15.43 -3.89
CA SER A 202 -1.08 -15.59 -4.71
C SER A 202 -2.37 -15.77 -3.90
N GLN A 203 -2.23 -15.78 -2.58
CA GLN A 203 -3.38 -15.80 -1.68
C GLN A 203 -3.15 -14.80 -0.54
N ASP A 204 -4.13 -14.65 0.36
CA ASP A 204 -3.99 -13.68 1.45
C ASP A 204 -2.94 -14.06 2.47
N VAL A 205 -2.34 -13.02 3.07
CA VAL A 205 -1.44 -13.16 4.21
C VAL A 205 -2.18 -12.57 5.43
N PRO A 206 -2.58 -13.44 6.37
CA PRO A 206 -3.35 -12.94 7.51
C PRO A 206 -2.53 -12.02 8.42
N LYS A 207 -3.26 -11.27 9.24
CA LYS A 207 -2.72 -10.43 10.30
C LYS A 207 -1.64 -11.17 11.10
N TYR A 208 -0.52 -10.48 11.33
CA TYR A 208 0.59 -10.96 12.19
C TYR A 208 1.48 -12.05 11.60
N MET A 209 1.22 -12.47 10.36
CA MET A 209 1.90 -13.64 9.81
C MET A 209 2.99 -13.36 8.77
N MET A 210 3.80 -14.37 8.51
CA MET A 210 4.81 -14.24 7.50
C MET A 210 4.76 -15.32 6.44
N VAL A 211 5.09 -14.90 5.22
CA VAL A 211 5.06 -15.75 4.06
C VAL A 211 6.44 -15.61 3.40
N ALA A 212 6.90 -16.65 2.70
CA ALA A 212 8.20 -16.60 2.02
C ALA A 212 8.37 -17.63 0.91
N GLY A 213 9.23 -17.29 -0.05
CA GLY A 213 9.85 -18.25 -0.96
C GLY A 213 9.00 -18.69 -2.12
N GLU A 214 9.57 -18.67 -3.34
CA GLU A 214 8.91 -19.12 -4.59
C GLU A 214 7.44 -18.64 -4.67
N ARG A 215 6.54 -19.46 -5.25
CA ARG A 215 5.11 -19.35 -4.91
C ARG A 215 4.97 -19.50 -3.39
N ALA A 216 4.72 -18.36 -2.75
CA ALA A 216 4.96 -18.20 -1.32
C ALA A 216 4.11 -19.10 -0.43
N GLU A 217 4.74 -19.58 0.65
CA GLU A 217 4.06 -20.36 1.68
C GLU A 217 4.08 -19.63 3.01
N LEU A 218 3.02 -19.83 3.78
CA LEU A 218 2.93 -19.40 5.16
C LEU A 218 4.07 -20.04 5.95
N ARG A 219 4.73 -19.27 6.81
CA ARG A 219 5.89 -19.78 7.58
C ARG A 219 5.79 -19.54 9.09
N GLY A 220 4.67 -18.99 9.55
CA GLY A 220 4.51 -18.71 10.97
C GLY A 220 4.08 -17.28 11.24
N LEU A 221 4.28 -16.85 12.48
CA LEU A 221 4.02 -15.48 12.88
C LEU A 221 5.23 -14.59 12.60
N ASN A 222 4.97 -13.32 12.35
CA ASN A 222 6.03 -12.33 12.20
C ASN A 222 6.46 -11.86 13.60
N LEU A 223 7.15 -12.73 14.31
CA LEU A 223 7.52 -12.51 15.72
C LEU A 223 8.45 -11.32 15.94
N GLU A 224 9.41 -11.13 15.02
CA GLU A 224 10.34 -10.01 15.08
C GLU A 224 9.60 -8.66 14.96
N GLY A 225 8.64 -8.60 14.03
CA GLY A 225 7.80 -7.43 13.86
C GLY A 225 6.89 -7.18 15.06
N LEU A 226 6.31 -8.24 15.60
CA LEU A 226 5.45 -8.13 16.78
C LEU A 226 6.23 -7.58 17.97
N ARG A 227 7.42 -8.13 18.20
CA ARG A 227 8.34 -7.65 19.24
C ARG A 227 8.69 -6.17 19.07
N ARG A 228 9.03 -5.78 17.84
CA ARG A 228 9.39 -4.40 17.49
C ARG A 228 8.24 -3.40 17.67
N ASN A 229 7.01 -3.90 17.59
CA ASN A 229 5.82 -3.04 17.66
C ASN A 229 5.07 -3.08 19.00
N GLY A 230 5.80 -3.39 20.06
CA GLY A 230 5.29 -3.28 21.43
C GLY A 230 4.23 -4.28 21.84
N PHE A 231 4.21 -5.44 21.18
CA PHE A 231 3.35 -6.54 21.63
C PHE A 231 3.97 -7.16 22.89
N THR A 232 3.14 -7.40 23.90
CA THR A 232 3.62 -7.92 25.19
C THR A 232 4.04 -9.39 25.11
N MET A 233 4.72 -9.85 26.15
CA MET A 233 5.21 -11.23 26.26
C MET A 233 4.08 -12.26 26.11
N SER A 234 2.98 -12.04 26.83
CA SER A 234 1.86 -12.99 26.85
C SER A 234 0.91 -12.83 25.67
N GLU A 235 0.90 -11.64 25.07
CA GLU A 235 0.19 -11.41 23.82
C GLU A 235 0.72 -12.35 22.75
N MET A 236 2.05 -12.33 22.59
CA MET A 236 2.73 -13.15 21.60
C MET A 236 2.66 -14.63 21.93
N LYS A 237 2.61 -14.95 23.23
CA LYS A 237 2.47 -16.33 23.69
C LYS A 237 1.08 -16.88 23.32
N SER A 238 0.05 -16.07 23.54
CA SER A 238 -1.32 -16.40 23.15
C SER A 238 -1.46 -16.60 21.63
N LEU A 239 -0.87 -15.69 20.86
CA LEU A 239 -0.92 -15.76 19.39
C LEU A 239 -0.25 -17.02 18.85
N ARG A 240 0.89 -17.38 19.44
CA ARG A 240 1.61 -18.61 19.05
C ARG A 240 0.79 -19.86 19.35
N ALA A 241 0.09 -19.86 20.48
CA ALA A 241 -0.79 -20.97 20.86
C ALA A 241 -1.97 -21.07 19.89
N ALA A 242 -2.54 -19.92 19.55
CA ALA A 242 -3.66 -19.87 18.60
C ALA A 242 -3.23 -20.34 17.21
N TYR A 243 -2.02 -19.95 16.82
CA TYR A 243 -1.42 -20.37 15.55
C TYR A 243 -1.28 -21.89 15.49
N ARG A 244 -0.74 -22.46 16.57
CA ARG A 244 -0.58 -23.90 16.71
C ARG A 244 -1.90 -24.66 16.61
N LYS A 245 -2.92 -24.19 17.33
CA LYS A 245 -4.25 -24.81 17.27
C LYS A 245 -4.85 -24.83 15.86
N ILE A 246 -4.65 -23.73 15.13
CA ILE A 246 -5.22 -23.57 13.80
C ILE A 246 -4.49 -24.38 12.71
N PHE A 247 -3.16 -24.27 12.69
CA PHE A 247 -2.37 -24.76 11.57
C PHE A 247 -1.59 -26.04 11.83
N MET A 248 -1.29 -26.29 13.10
CA MET A 248 -0.47 -27.43 13.49
C MET A 248 -1.20 -28.35 14.46
N SER A 249 -2.39 -28.79 14.05
CA SER A 249 -3.20 -29.73 14.81
C SER A 249 -3.17 -31.09 14.10
N THR A 250 -1.98 -31.69 14.06
CA THR A 250 -1.66 -32.82 13.17
C THR A 250 -2.42 -34.13 13.39
N GLU A 251 -3.04 -34.30 14.55
CA GLU A 251 -3.64 -35.58 14.94
C GLU A 251 -5.17 -35.58 15.02
N THR A 252 -5.76 -34.39 15.15
CA THR A 252 -7.20 -34.25 15.41
C THR A 252 -7.98 -33.58 14.28
N VAL A 253 -9.29 -33.87 14.22
CA VAL A 253 -10.25 -33.33 13.22
C VAL A 253 -9.70 -33.24 11.79
N SER A 254 -9.49 -34.40 11.18
CA SER A 254 -8.90 -34.51 9.84
C SER A 254 -9.82 -33.98 8.74
N LEU A 255 -9.22 -33.22 7.81
CA LEU A 255 -9.91 -32.61 6.67
C LEU A 255 -11.03 -31.63 7.10
N SER A 256 -10.66 -30.69 7.97
CA SER A 256 -11.59 -29.67 8.48
C SER A 256 -10.84 -28.43 8.99
N PHE A 257 -10.88 -27.36 8.19
CA PHE A 257 -10.24 -26.12 8.60
C PHE A 257 -11.13 -25.28 9.50
N GLU A 258 -12.42 -25.20 9.16
CA GLU A 258 -13.38 -24.37 9.89
C GLU A 258 -13.67 -24.88 11.30
N GLU A 259 -13.62 -26.19 11.49
CA GLU A 259 -13.85 -26.81 12.79
C GLU A 259 -12.76 -26.45 13.80
N ARG A 260 -11.52 -26.30 13.32
CA ARG A 260 -10.42 -25.84 14.15
C ARG A 260 -10.54 -24.36 14.49
N LEU A 261 -11.03 -23.58 13.54
CA LEU A 261 -11.32 -22.16 13.75
C LEU A 261 -12.41 -22.01 14.82
N THR A 262 -13.43 -22.85 14.70
CA THR A 262 -14.53 -22.90 15.67
C THR A 262 -14.00 -23.21 17.07
N GLU A 263 -13.14 -24.22 17.18
CA GLU A 263 -12.56 -24.62 18.47
C GLU A 263 -11.73 -23.51 19.13
N LEU A 264 -11.21 -22.58 18.32
CA LEU A 264 -10.48 -21.44 18.84
C LEU A 264 -11.40 -20.38 19.44
N GLU A 265 -12.54 -20.12 18.78
CA GLU A 265 -13.55 -19.19 19.29
C GLU A 265 -14.04 -19.66 20.65
N GLN A 266 -14.32 -20.96 20.75
CA GLN A 266 -14.84 -21.58 21.97
C GLN A 266 -13.80 -21.59 23.10
N ASP A 267 -12.53 -21.66 22.73
CA ASP A 267 -11.43 -21.60 23.69
C ASP A 267 -11.37 -20.18 24.28
N GLN A 268 -12.05 -20.00 25.41
CA GLN A 268 -12.21 -18.70 26.05
C GLN A 268 -10.88 -18.09 26.51
N GLU A 269 -9.95 -18.95 26.90
CA GLU A 269 -8.63 -18.53 27.36
C GLU A 269 -7.84 -17.78 26.28
N LEU A 270 -7.88 -18.28 25.05
CA LEU A 270 -7.19 -17.64 23.93
C LEU A 270 -8.02 -16.57 23.25
N TYR A 271 -9.30 -16.85 22.99
CA TYR A 271 -10.15 -15.94 22.21
C TYR A 271 -10.44 -14.60 22.88
N SER A 272 -10.38 -14.56 24.21
CA SER A 272 -10.59 -13.31 24.96
C SER A 272 -9.44 -12.31 24.78
N VAL A 273 -8.30 -12.79 24.30
CA VAL A 273 -7.16 -11.92 23.97
C VAL A 273 -7.48 -11.17 22.65
N PRO A 274 -7.42 -9.83 22.67
CA PRO A 274 -7.78 -9.00 21.51
C PRO A 274 -7.04 -9.36 20.20
N ALA A 275 -5.72 -9.56 20.29
CA ALA A 275 -4.92 -9.93 19.11
C ALA A 275 -5.33 -11.27 18.50
N VAL A 276 -5.65 -12.24 19.36
CA VAL A 276 -6.12 -13.57 18.91
C VAL A 276 -7.45 -13.44 18.15
N SER A 277 -8.38 -12.68 18.74
CA SER A 277 -9.67 -12.41 18.11
C SER A 277 -9.51 -11.70 16.75
N ALA A 278 -8.64 -10.69 16.71
CA ALA A 278 -8.34 -9.98 15.47
C ALA A 278 -7.72 -10.92 14.43
N MET A 279 -6.81 -11.79 14.85
CA MET A 279 -6.17 -12.76 13.94
C MET A 279 -7.19 -13.74 13.37
N LEU A 280 -8.05 -14.27 14.23
CA LEU A 280 -9.09 -15.20 13.82
C LEU A 280 -10.05 -14.57 12.82
N GLN A 281 -10.45 -13.32 13.09
CA GLN A 281 -11.32 -12.59 12.17
C GLN A 281 -10.62 -12.35 10.82
N SER A 282 -9.36 -11.94 10.87
CA SER A 282 -8.52 -11.77 9.67
C SER A 282 -8.55 -13.03 8.79
N ILE A 283 -8.39 -14.20 9.40
CA ILE A 283 -8.43 -15.48 8.69
C ILE A 283 -9.79 -15.76 8.03
N ARG A 284 -10.87 -15.60 8.80
CA ARG A 284 -12.22 -15.83 8.29
C ARG A 284 -12.59 -14.94 7.11
N ASP A 285 -12.14 -13.68 7.14
CA ASP A 285 -12.38 -12.74 6.06
C ASP A 285 -11.87 -13.26 4.71
N SER A 286 -10.79 -14.06 4.73
CA SER A 286 -10.20 -14.60 3.50
C SER A 286 -11.07 -15.63 2.79
N PHE A 287 -12.14 -16.06 3.45
CA PHE A 287 -13.04 -17.07 2.87
C PHE A 287 -14.46 -16.51 2.64
N THR A 288 -14.61 -15.19 2.74
CA THR A 288 -15.87 -14.52 2.41
C THR A 288 -15.88 -14.19 0.92
N GLU A 289 -17.06 -13.89 0.38
CA GLU A 289 -17.28 -13.74 -1.07
C GLU A 289 -16.14 -13.05 -1.84
N SER A 290 -15.74 -13.69 -2.94
CA SER A 290 -14.69 -13.19 -3.84
C SER A 290 -13.26 -13.35 -3.32
N ARG A 291 -13.07 -13.37 -1.99
CA ARG A 291 -11.72 -13.44 -1.41
C ARG A 291 -10.98 -14.75 -1.75
N ARG A 292 -9.64 -14.70 -1.74
CA ARG A 292 -8.82 -15.75 -2.36
C ARG A 292 -8.29 -16.86 -1.44
N GLY A 293 -8.81 -16.97 -0.23
CA GLY A 293 -8.25 -17.92 0.75
C GLY A 293 -6.91 -17.41 1.28
N ILE A 294 -6.18 -18.27 1.98
CA ILE A 294 -4.88 -17.90 2.56
C ILE A 294 -3.75 -18.74 1.99
N CYS A 295 -2.52 -18.21 2.01
CA CYS A 295 -1.35 -18.96 1.55
C CYS A 295 -1.20 -20.27 2.31
N LYS A 296 -0.68 -21.29 1.63
CA LYS A 296 -0.59 -22.63 2.18
C LYS A 296 0.55 -22.76 3.19
#